data_3FPF
#
_entry.id   3FPF
#
_cell.length_a   64.410
_cell.length_b   68.740
_cell.length_c   146.300
_cell.angle_alpha   90.000
_cell.angle_beta   90.000
_cell.angle_gamma   90.000
#
_symmetry.space_group_name_H-M   'P 21 21 21'
#
loop_
_entity.id
_entity.type
_entity.pdbx_description
1 polymer 'Putative uncharacterized protein'
2 non-polymer 'N-[(3S)-3-{[(3S)-3-amino-3-carboxypropyl]amino}-3-carboxypropyl]-L-glutamic acid'
3 non-polymer "5'-DEOXY-5'-METHYLTHIOADENOSINE"
4 non-polymer 'BROMIDE ION'
5 water water
#
_entity_poly.entity_id   1
_entity_poly.type   'polypeptide(L)'
_entity_poly.pdbx_seq_one_letter_code
;MSCYIYWDKIKRIASRLEGMNYHFDEMDTSGVMPLLDEIEEIAHDSTIDFESAKHILDDAEMNHALSLIRKFYVNLGMKL
EMEKAQEVIESDSPWETLRSFYFYPRYLELLKNEAALGRFRRGERAVFIGGGPLPLTGILLSHVYGMRVNVVEIEPDIAE
LSRKVIEGLGVDGVNVITGDETVIDGLEFDVLMVAALAEPKRRVFRNIHRYVDTETRIIYRTYTGMRAILYAPVSDDDIT
GFRRAGVVLPSGKVNNTSVLVFKCPDKGELNSKLEGKPIPNPLLGLDSTRTGHHHHHH
;
_entity_poly.pdbx_strand_id   A,B
#
loop_
_chem_comp.id
_chem_comp.type
_chem_comp.name
_chem_comp.formula
BR non-polymer 'BROMIDE ION' 'Br -1'
MTA non-polymer 5'-DEOXY-5'-METHYLTHIOADENOSINE 'C11 H15 N5 O3 S'
TNA non-polymer 'N-[(3S)-3-{[(3S)-3-amino-3-carboxypropyl]amino}-3-carboxypropyl]-L-glutamic acid' 'C13 H23 N3 O8'
#
# COMPACT_ATOMS: atom_id res chain seq x y z
N SER A 2 -16.62 -0.54 11.32
CA SER A 2 -17.01 -0.42 9.87
C SER A 2 -18.21 -1.23 9.33
N CYS A 3 -18.47 -1.05 8.03
CA CYS A 3 -19.72 -1.38 7.39
C CYS A 3 -19.56 -1.50 5.87
N TYR A 4 -18.52 -2.20 5.45
CA TYR A 4 -18.25 -2.41 4.02
C TYR A 4 -19.23 -3.41 3.41
N ILE A 5 -19.74 -3.08 2.23
CA ILE A 5 -20.68 -3.98 1.55
C ILE A 5 -20.07 -5.35 1.25
N TYR A 6 -18.75 -5.37 1.05
CA TYR A 6 -18.05 -6.62 0.72
C TYR A 6 -18.02 -7.60 1.87
N TRP A 7 -18.19 -7.11 3.10
CA TRP A 7 -18.18 -8.00 4.26
C TRP A 7 -19.25 -9.07 4.09
N ASP A 8 -20.49 -8.62 3.88
CA ASP A 8 -21.62 -9.53 3.74
C ASP A 8 -21.49 -10.41 2.50
N LYS A 9 -21.01 -9.82 1.39
CA LYS A 9 -20.82 -10.57 0.15
C LYS A 9 -19.89 -11.75 0.36
N ILE A 10 -18.81 -11.50 1.10
CA ILE A 10 -17.84 -12.55 1.41
C ILE A 10 -18.47 -13.62 2.30
N LYS A 11 -19.20 -13.19 3.33
CA LYS A 11 -19.87 -14.12 4.22
C LYS A 11 -20.84 -15.01 3.45
N ARG A 12 -21.57 -14.41 2.49
CA ARG A 12 -22.53 -15.18 1.67
C ARG A 12 -21.84 -16.22 0.78
N ILE A 13 -20.77 -15.81 0.09
CA ILE A 13 -20.00 -16.76 -0.68
C ILE A 13 -19.54 -17.91 0.20
N ALA A 14 -18.95 -17.55 1.35
CA ALA A 14 -18.43 -18.54 2.31
C ALA A 14 -19.50 -19.54 2.76
N SER A 15 -20.72 -19.07 2.95
CA SER A 15 -21.81 -19.96 3.40
C SER A 15 -22.10 -21.02 2.37
N ARG A 16 -21.81 -20.73 1.09
CA ARG A 16 -22.04 -21.70 0.02
C ARG A 16 -20.81 -22.57 -0.23
N LEU A 17 -19.71 -22.27 0.46
CA LEU A 17 -18.53 -23.14 0.48
C LEU A 17 -18.48 -24.08 1.71
N GLU A 18 -19.24 -23.73 2.76
CA GLU A 18 -19.16 -24.46 4.03
C GLU A 18 -19.33 -25.98 3.86
N GLY A 19 -20.31 -26.37 3.03
CA GLY A 19 -20.69 -27.77 2.83
C GLY A 19 -19.72 -28.56 1.97
N MET A 20 -18.64 -27.89 1.52
CA MET A 20 -17.50 -28.53 0.84
C MET A 20 -16.25 -28.61 1.75
N ASN A 21 -16.32 -28.03 2.94
CA ASN A 21 -15.11 -27.97 3.79
C ASN A 21 -14.50 -29.36 4.01
N TYR A 22 -13.16 -29.39 3.99
CA TYR A 22 -12.36 -30.62 4.16
C TYR A 22 -12.44 -31.56 2.97
N HIS A 23 -13.16 -31.15 1.92
CA HIS A 23 -13.34 -31.98 0.72
C HIS A 23 -13.34 -31.19 -0.57
N PHE A 24 -12.64 -30.05 -0.56
CA PHE A 24 -12.53 -29.19 -1.74
C PHE A 24 -11.79 -29.86 -2.88
N ASP A 25 -10.94 -30.85 -2.58
CA ASP A 25 -10.23 -31.57 -3.64
C ASP A 25 -11.17 -32.45 -4.50
N GLU A 26 -12.38 -32.66 -3.99
CA GLU A 26 -13.41 -33.45 -4.70
C GLU A 26 -14.25 -32.61 -5.67
N MET A 27 -13.97 -31.31 -5.75
CA MET A 27 -14.75 -30.41 -6.61
C MET A 27 -14.73 -30.76 -8.10
N ASP A 28 -15.83 -30.43 -8.76
CA ASP A 28 -15.91 -30.47 -10.21
C ASP A 28 -15.46 -29.12 -10.76
N THR A 29 -14.35 -29.13 -11.50
CA THR A 29 -13.67 -27.94 -11.97
C THR A 29 -14.54 -26.98 -12.82
N SER A 30 -15.16 -27.51 -13.87
CA SER A 30 -16.02 -26.69 -14.70
C SER A 30 -17.19 -26.11 -13.87
N GLY A 31 -17.77 -26.96 -13.03
CA GLY A 31 -18.96 -26.60 -12.22
C GLY A 31 -18.76 -25.50 -11.20
N VAL A 32 -17.54 -25.37 -10.69
CA VAL A 32 -17.29 -24.37 -9.66
C VAL A 32 -16.65 -23.08 -10.19
N MET A 33 -16.49 -22.97 -11.52
CA MET A 33 -15.96 -21.74 -12.08
C MET A 33 -16.76 -20.49 -11.69
N PRO A 34 -18.11 -20.56 -11.71
CA PRO A 34 -18.87 -19.40 -11.24
C PRO A 34 -18.53 -18.92 -9.82
N LEU A 35 -18.21 -19.86 -8.93
CA LEU A 35 -17.77 -19.49 -7.58
C LEU A 35 -16.45 -18.72 -7.61
N LEU A 36 -15.50 -19.18 -8.43
CA LEU A 36 -14.26 -18.43 -8.59
C LEU A 36 -14.55 -17.01 -9.09
N ASP A 37 -15.48 -16.87 -10.03
CA ASP A 37 -15.85 -15.56 -10.56
C ASP A 37 -16.39 -14.65 -9.45
N GLU A 38 -17.20 -15.22 -8.55
CA GLU A 38 -17.77 -14.45 -7.44
C GLU A 38 -16.67 -13.91 -6.55
N ILE A 39 -15.71 -14.79 -6.25
CA ILE A 39 -14.61 -14.45 -5.36
C ILE A 39 -13.72 -13.41 -6.02
N GLU A 40 -13.37 -13.66 -7.29
CA GLU A 40 -12.54 -12.73 -8.04
C GLU A 40 -13.18 -11.35 -8.31
N GLU A 41 -14.49 -11.29 -8.41
CA GLU A 41 -15.16 -9.99 -8.52
C GLU A 41 -14.81 -9.07 -7.35
N ILE A 42 -14.69 -9.65 -6.17
CA ILE A 42 -14.30 -8.92 -4.99
C ILE A 42 -12.80 -8.69 -4.97
N ALA A 43 -12.03 -9.77 -5.13
CA ALA A 43 -10.57 -9.68 -5.14
C ALA A 43 -10.03 -8.58 -6.07
N HIS A 44 -10.62 -8.51 -7.27
CA HIS A 44 -10.17 -7.65 -8.36
C HIS A 44 -10.79 -6.25 -8.37
N ASP A 45 -11.66 -5.97 -7.42
CA ASP A 45 -12.32 -4.66 -7.35
C ASP A 45 -11.34 -3.55 -7.00
N SER A 46 -10.97 -2.72 -7.98
CA SER A 46 -9.96 -1.70 -7.76
C SER A 46 -10.40 -0.52 -6.87
N THR A 47 -11.70 -0.42 -6.55
CA THR A 47 -12.15 0.59 -5.59
C THR A 47 -11.86 0.21 -4.12
N ILE A 48 -11.45 -1.04 -3.87
CA ILE A 48 -11.13 -1.44 -2.50
C ILE A 48 -9.68 -1.09 -2.20
N ASP A 49 -9.46 -0.10 -1.33
CA ASP A 49 -8.10 0.29 -0.95
C ASP A 49 -7.46 -0.78 -0.07
N PHE A 50 -6.13 -0.75 0.03
CA PHE A 50 -5.42 -1.78 0.78
C PHE A 50 -5.74 -1.76 2.28
N GLU A 51 -5.93 -0.55 2.84
CA GLU A 51 -6.32 -0.42 4.24
C GLU A 51 -7.71 -1.04 4.50
N SER A 52 -8.67 -0.82 3.60
CA SER A 52 -10.01 -1.41 3.75
C SER A 52 -9.95 -2.93 3.62
N ALA A 53 -9.13 -3.41 2.69
CA ALA A 53 -8.96 -4.85 2.51
C ALA A 53 -8.44 -5.50 3.79
N LYS A 54 -7.41 -4.88 4.35
CA LYS A 54 -6.79 -5.37 5.58
C LYS A 54 -7.80 -5.37 6.72
N HIS A 55 -8.61 -4.31 6.82
CA HIS A 55 -9.67 -4.22 7.83
C HIS A 55 -10.57 -5.45 7.80
N ILE A 56 -10.98 -5.83 6.60
CA ILE A 56 -11.90 -6.96 6.44
C ILE A 56 -11.17 -8.29 6.73
N LEU A 57 -10.02 -8.47 6.11
CA LEU A 57 -9.40 -9.80 6.08
C LEU A 57 -8.72 -10.18 7.39
N ASP A 58 -8.37 -9.18 8.19
CA ASP A 58 -7.74 -9.38 9.51
C ASP A 58 -8.74 -9.50 10.67
N ASP A 59 -9.99 -9.12 10.43
CA ASP A 59 -11.05 -9.24 11.45
C ASP A 59 -11.23 -10.69 11.90
N ALA A 60 -11.20 -10.91 13.21
CA ALA A 60 -11.34 -12.26 13.74
C ALA A 60 -12.58 -12.97 13.25
N GLU A 61 -13.68 -12.22 13.06
CA GLU A 61 -14.97 -12.77 12.64
C GLU A 61 -14.98 -13.24 11.18
N MET A 62 -13.93 -12.88 10.44
CA MET A 62 -13.76 -13.26 9.04
C MET A 62 -12.86 -14.49 8.89
N ASN A 63 -12.31 -14.99 10.00
CA ASN A 63 -11.31 -16.03 9.90
C ASN A 63 -11.80 -17.33 9.24
N HIS A 64 -13.00 -17.77 9.62
CA HIS A 64 -13.50 -19.03 9.06
C HIS A 64 -13.84 -18.88 7.58
N ALA A 65 -14.38 -17.72 7.23
CA ALA A 65 -14.76 -17.44 5.83
C ALA A 65 -13.51 -17.40 4.95
N LEU A 66 -12.49 -16.70 5.45
CA LEU A 66 -11.22 -16.64 4.74
C LEU A 66 -10.64 -18.04 4.54
N SER A 67 -10.72 -18.88 5.56
CA SER A 67 -10.23 -20.24 5.46
C SER A 67 -10.96 -21.06 4.38
N LEU A 68 -12.27 -20.87 4.28
CA LEU A 68 -13.05 -21.59 3.27
C LEU A 68 -12.66 -21.18 1.87
N ILE A 69 -12.54 -19.86 1.70
CA ILE A 69 -12.19 -19.30 0.39
C ILE A 69 -10.78 -19.71 -0.02
N ARG A 70 -9.85 -19.68 0.92
CA ARG A 70 -8.47 -20.08 0.62
C ARG A 70 -8.38 -21.56 0.24
N LYS A 71 -9.10 -22.42 0.97
CA LYS A 71 -9.12 -23.86 0.65
C LYS A 71 -9.67 -24.06 -0.77
N PHE A 72 -10.75 -23.35 -1.09
CA PHE A 72 -11.38 -23.47 -2.41
C PHE A 72 -10.38 -23.11 -3.49
N TYR A 73 -9.71 -21.97 -3.29
CA TYR A 73 -8.81 -21.40 -4.29
C TYR A 73 -7.63 -22.30 -4.59
N VAL A 74 -6.98 -22.80 -3.55
CA VAL A 74 -5.80 -23.62 -3.77
C VAL A 74 -6.16 -24.97 -4.40
N ASN A 75 -7.33 -25.51 -4.03
CA ASN A 75 -7.79 -26.76 -4.62
C ASN A 75 -8.23 -26.64 -6.07
N LEU A 76 -8.96 -25.57 -6.38
CA LEU A 76 -9.33 -25.31 -7.77
C LEU A 76 -8.09 -25.08 -8.66
N GLY A 77 -7.15 -24.28 -8.18
CA GLY A 77 -5.90 -24.03 -8.92
C GLY A 77 -5.16 -25.31 -9.26
N MET A 78 -4.93 -26.15 -8.25
CA MET A 78 -4.23 -27.43 -8.46
C MET A 78 -4.97 -28.30 -9.48
N LYS A 79 -6.28 -28.38 -9.37
CA LYS A 79 -7.05 -29.26 -10.25
C LYS A 79 -7.02 -28.74 -11.68
N LEU A 80 -7.16 -27.42 -11.85
CA LEU A 80 -7.04 -26.78 -13.18
C LEU A 80 -5.68 -27.09 -13.84
N GLU A 81 -4.60 -26.99 -13.05
CA GLU A 81 -3.26 -27.33 -13.57
C GLU A 81 -3.12 -28.79 -13.95
N MET A 82 -3.55 -29.69 -13.06
CA MET A 82 -3.46 -31.13 -13.33
C MET A 82 -4.19 -31.45 -14.62
N GLU A 83 -5.41 -30.95 -14.74
CA GLU A 83 -6.23 -31.22 -15.91
C GLU A 83 -5.57 -30.69 -17.19
N LYS A 84 -5.05 -29.47 -17.14
CA LYS A 84 -4.46 -28.88 -18.33
C LYS A 84 -3.15 -29.60 -18.69
N ALA A 85 -2.33 -29.91 -17.69
CA ALA A 85 -1.10 -30.70 -17.93
C ALA A 85 -1.42 -31.96 -18.73
N GLN A 86 -2.40 -32.75 -18.28
CA GLN A 86 -2.74 -33.99 -18.99
C GLN A 86 -3.26 -33.73 -20.40
N GLU A 87 -4.07 -32.67 -20.55
CA GLU A 87 -4.59 -32.27 -21.84
C GLU A 87 -3.46 -31.91 -22.80
N VAL A 88 -2.48 -31.16 -22.31
CA VAL A 88 -1.33 -30.78 -23.15
C VAL A 88 -0.53 -31.99 -23.62
N ILE A 89 -0.25 -32.92 -22.69
CA ILE A 89 0.49 -34.16 -22.99
C ILE A 89 -0.22 -35.01 -24.05
N GLU A 90 -1.55 -35.01 -24.04
CA GLU A 90 -2.32 -35.84 -24.99
C GLU A 90 -2.65 -35.12 -26.31
N SER A 91 -2.36 -33.84 -26.38
CA SER A 91 -2.77 -33.02 -27.52
C SER A 91 -1.90 -33.15 -28.77
N ASP A 92 -2.55 -33.16 -29.94
CA ASP A 92 -1.85 -33.02 -31.23
C ASP A 92 -1.29 -31.61 -31.42
N SER A 93 -1.88 -30.64 -30.72
CA SER A 93 -1.46 -29.24 -30.84
C SER A 93 -1.19 -28.70 -29.44
N PRO A 94 -0.09 -29.14 -28.82
CA PRO A 94 0.12 -28.81 -27.39
C PRO A 94 0.18 -27.30 -27.07
N TRP A 95 0.81 -26.49 -27.93
CA TRP A 95 0.87 -25.05 -27.63
C TRP A 95 -0.52 -24.41 -27.69
N GLU A 96 -1.33 -24.79 -28.68
CA GLU A 96 -2.70 -24.27 -28.77
C GLU A 96 -3.48 -24.67 -27.53
N THR A 97 -3.34 -25.93 -27.12
CA THR A 97 -3.96 -26.43 -25.88
C THR A 97 -3.49 -25.64 -24.65
N LEU A 98 -2.19 -25.40 -24.55
CA LEU A 98 -1.66 -24.61 -23.44
C LEU A 98 -2.22 -23.17 -23.42
N ARG A 99 -2.30 -22.53 -24.60
CA ARG A 99 -2.81 -21.15 -24.68
C ARG A 99 -4.27 -21.03 -24.22
N SER A 100 -5.00 -22.15 -24.21
CA SER A 100 -6.42 -22.14 -23.78
C SER A 100 -6.55 -22.29 -22.26
N PHE A 101 -5.43 -22.52 -21.57
CA PHE A 101 -5.47 -22.58 -20.09
C PHE A 101 -6.17 -21.33 -19.54
N TYR A 102 -7.08 -21.54 -18.59
CA TYR A 102 -7.93 -20.45 -18.09
C TYR A 102 -7.10 -19.24 -17.65
N PHE A 103 -5.97 -19.53 -16.99
CA PHE A 103 -5.09 -18.50 -16.45
C PHE A 103 -3.97 -18.04 -17.40
N TYR A 104 -3.90 -18.62 -18.60
CA TYR A 104 -2.76 -18.34 -19.50
C TYR A 104 -2.49 -16.82 -19.71
N PRO A 105 -3.53 -16.03 -20.08
CA PRO A 105 -3.20 -14.60 -20.28
C PRO A 105 -2.66 -13.86 -19.05
N ARG A 106 -3.10 -14.26 -17.86
CA ARG A 106 -2.58 -13.68 -16.60
C ARG A 106 -1.11 -13.98 -16.41
N TYR A 107 -0.70 -15.21 -16.71
CA TYR A 107 0.71 -15.59 -16.62
C TYR A 107 1.59 -14.76 -17.56
N LEU A 108 1.11 -14.48 -18.78
CA LEU A 108 1.89 -13.63 -19.69
C LEU A 108 2.16 -12.25 -19.06
N GLU A 109 1.12 -11.68 -18.45
CA GLU A 109 1.21 -10.37 -17.84
C GLU A 109 2.07 -10.40 -16.58
N LEU A 110 1.84 -11.42 -15.74
CA LEU A 110 2.62 -11.62 -14.53
C LEU A 110 4.12 -11.68 -14.88
N LEU A 111 4.45 -12.50 -15.86
CA LEU A 111 5.84 -12.67 -16.25
C LEU A 111 6.46 -11.40 -16.83
N LYS A 112 5.67 -10.67 -17.62
CA LYS A 112 6.09 -9.38 -18.14
C LYS A 112 6.48 -8.43 -17.00
N ASN A 113 5.61 -8.32 -16.00
CA ASN A 113 5.86 -7.59 -14.74
C ASN A 113 7.21 -8.00 -14.15
N GLU A 114 7.39 -9.32 -14.00
CA GLU A 114 8.54 -9.87 -13.29
C GLU A 114 9.86 -9.67 -14.05
N ALA A 115 9.80 -9.76 -15.37
CA ALA A 115 10.97 -9.56 -16.23
C ALA A 115 11.50 -8.13 -16.16
N ALA A 116 10.60 -7.17 -16.01
CA ALA A 116 11.00 -5.77 -15.76
C ALA A 116 11.58 -5.63 -14.36
N LEU A 117 10.86 -6.17 -13.38
CA LEU A 117 11.28 -6.09 -11.98
C LEU A 117 12.65 -6.71 -11.76
N GLY A 118 12.86 -7.89 -12.34
CA GLY A 118 14.10 -8.64 -12.17
C GLY A 118 15.14 -8.36 -13.24
N ARG A 119 14.84 -7.42 -14.13
CA ARG A 119 15.72 -7.07 -15.25
C ARG A 119 16.26 -8.33 -15.94
N PHE A 120 15.35 -9.20 -16.37
CA PHE A 120 15.74 -10.46 -16.99
C PHE A 120 16.44 -10.20 -18.31
N ARG A 121 17.56 -10.90 -18.51
CA ARG A 121 18.26 -10.83 -19.79
C ARG A 121 18.36 -12.21 -20.42
N ARG A 122 18.26 -12.27 -21.75
CA ARG A 122 18.41 -13.51 -22.48
C ARG A 122 19.75 -14.19 -22.13
N GLY A 123 19.70 -15.51 -21.91
CA GLY A 123 20.87 -16.32 -21.54
C GLY A 123 21.18 -16.36 -20.06
N GLU A 124 20.47 -15.56 -19.27
CA GLU A 124 20.60 -15.64 -17.82
C GLU A 124 20.00 -16.96 -17.35
N ARG A 125 20.44 -17.39 -16.17
CA ARG A 125 20.05 -18.67 -15.57
C ARG A 125 19.01 -18.42 -14.50
N ALA A 126 17.88 -19.11 -14.63
CA ALA A 126 16.76 -18.96 -13.70
C ALA A 126 16.47 -20.29 -13.01
N VAL A 127 16.18 -20.21 -11.72
CA VAL A 127 15.64 -21.36 -10.98
C VAL A 127 14.27 -20.97 -10.43
N PHE A 128 13.28 -21.82 -10.63
CA PHE A 128 11.91 -21.56 -10.15
C PHE A 128 11.51 -22.63 -9.13
N ILE A 129 11.22 -22.21 -7.90
CA ILE A 129 10.90 -23.18 -6.83
C ILE A 129 9.38 -23.34 -6.75
N GLY A 130 8.90 -24.54 -7.03
CA GLY A 130 7.49 -24.88 -6.91
C GLY A 130 6.79 -24.99 -8.24
N GLY A 131 7.31 -25.89 -9.10
CA GLY A 131 6.87 -25.91 -10.50
C GLY A 131 5.42 -26.28 -10.75
N GLY A 132 4.92 -27.28 -10.04
CA GLY A 132 3.57 -27.79 -10.26
C GLY A 132 3.44 -28.66 -11.51
N PRO A 133 2.23 -29.19 -11.76
CA PRO A 133 1.97 -30.06 -12.92
C PRO A 133 2.18 -29.31 -14.24
N LEU A 134 1.89 -28.01 -14.24
CA LEU A 134 1.93 -27.21 -15.46
C LEU A 134 2.93 -26.08 -15.21
N PRO A 135 4.21 -26.33 -15.51
CA PRO A 135 5.27 -25.39 -15.10
C PRO A 135 5.38 -24.21 -16.07
N LEU A 136 4.30 -23.45 -16.17
CA LEU A 136 4.15 -22.37 -17.15
C LEU A 136 5.20 -21.29 -16.99
N THR A 137 5.54 -20.95 -15.74
CA THR A 137 6.54 -19.91 -15.53
C THR A 137 7.87 -20.37 -16.13
N GLY A 138 8.30 -21.58 -15.78
CA GLY A 138 9.56 -22.13 -16.33
C GLY A 138 9.53 -22.10 -17.85
N ILE A 139 8.44 -22.59 -18.41
CA ILE A 139 8.24 -22.60 -19.87
C ILE A 139 8.47 -21.20 -20.46
N LEU A 140 7.74 -20.22 -19.92
CA LEU A 140 7.83 -18.84 -20.45
C LEU A 140 9.19 -18.19 -20.27
N LEU A 141 9.85 -18.49 -19.15
CA LEU A 141 11.18 -17.96 -18.88
C LEU A 141 12.12 -18.29 -20.04
N SER A 142 11.98 -19.49 -20.57
CA SER A 142 12.80 -19.88 -21.74
C SER A 142 12.17 -19.43 -23.06
N HIS A 143 10.91 -19.79 -23.26
CA HIS A 143 10.21 -19.59 -24.54
C HIS A 143 10.13 -18.11 -24.92
N VAL A 144 9.82 -17.27 -23.94
CA VAL A 144 9.71 -15.83 -24.18
C VAL A 144 11.02 -15.09 -23.87
N TYR A 145 11.63 -15.37 -22.71
CA TYR A 145 12.72 -14.54 -22.18
C TYR A 145 14.13 -15.05 -22.42
N GLY A 146 14.21 -16.22 -23.07
CA GLY A 146 15.49 -16.82 -23.47
C GLY A 146 16.38 -17.16 -22.28
N MET A 147 15.78 -17.44 -21.13
CA MET A 147 16.56 -17.84 -19.97
C MET A 147 16.75 -19.35 -19.96
N ARG A 148 17.80 -19.79 -19.26
CA ARG A 148 18.09 -21.23 -19.08
C ARG A 148 17.54 -21.58 -17.71
N VAL A 149 16.72 -22.62 -17.65
CA VAL A 149 15.87 -22.82 -16.46
C VAL A 149 15.93 -24.20 -15.80
N ASN A 150 16.07 -24.22 -14.47
CA ASN A 150 15.73 -25.40 -13.67
C ASN A 150 14.50 -25.07 -12.84
N VAL A 151 13.49 -25.93 -12.95
CA VAL A 151 12.27 -25.85 -12.16
C VAL A 151 12.38 -26.92 -11.06
N VAL A 152 12.04 -26.54 -9.82
CA VAL A 152 12.16 -27.45 -8.69
C VAL A 152 10.75 -27.84 -8.26
N GLU A 153 10.52 -29.14 -8.12
CA GLU A 153 9.22 -29.67 -7.70
C GLU A 153 9.46 -30.81 -6.70
N ILE A 154 8.84 -30.70 -5.52
CA ILE A 154 9.11 -31.62 -4.43
C ILE A 154 8.39 -32.96 -4.58
N GLU A 155 7.23 -32.97 -5.26
CA GLU A 155 6.44 -34.20 -5.41
C GLU A 155 6.87 -34.97 -6.66
N PRO A 156 7.48 -36.15 -6.48
CA PRO A 156 8.03 -36.86 -7.64
C PRO A 156 7.02 -37.10 -8.78
N ASP A 157 5.77 -37.45 -8.47
CA ASP A 157 4.80 -37.72 -9.53
C ASP A 157 4.44 -36.46 -10.32
N ILE A 158 4.34 -35.34 -9.60
CA ILE A 158 4.09 -34.04 -10.23
C ILE A 158 5.28 -33.63 -11.08
N ALA A 159 6.50 -33.82 -10.56
CA ALA A 159 7.70 -33.52 -11.33
C ALA A 159 7.68 -34.29 -12.66
N GLU A 160 7.40 -35.60 -12.59
CA GLU A 160 7.38 -36.43 -13.80
C GLU A 160 6.36 -35.95 -14.83
N LEU A 161 5.17 -35.57 -14.35
CA LEU A 161 4.11 -35.01 -15.22
C LEU A 161 4.57 -33.73 -15.90
N SER A 162 5.17 -32.83 -15.10
CA SER A 162 5.65 -31.53 -15.61
C SER A 162 6.70 -31.69 -16.72
N ARG A 163 7.57 -32.69 -16.59
CA ARG A 163 8.58 -32.96 -17.62
C ARG A 163 7.86 -33.33 -18.91
N LYS A 164 6.82 -34.14 -18.81
CA LYS A 164 6.07 -34.57 -19.99
C LYS A 164 5.35 -33.38 -20.68
N VAL A 165 4.92 -32.40 -19.88
CA VAL A 165 4.36 -31.19 -20.46
C VAL A 165 5.45 -30.44 -21.27
N ILE A 166 6.60 -30.21 -20.63
CA ILE A 166 7.70 -29.48 -21.25
C ILE A 166 8.14 -30.16 -22.55
N GLU A 167 8.29 -31.48 -22.50
CA GLU A 167 8.77 -32.25 -23.63
C GLU A 167 7.71 -32.27 -24.75
N GLY A 168 6.45 -32.38 -24.34
CA GLY A 168 5.30 -32.37 -25.27
C GLY A 168 5.29 -31.08 -26.09
N LEU A 169 5.60 -29.96 -25.45
CA LEU A 169 5.62 -28.66 -26.11
C LEU A 169 6.86 -28.43 -26.98
N GLY A 170 7.87 -29.29 -26.80
CA GLY A 170 9.14 -29.13 -27.51
C GLY A 170 9.92 -27.91 -27.07
N VAL A 171 9.74 -27.52 -25.82
CA VAL A 171 10.41 -26.36 -25.29
C VAL A 171 11.83 -26.74 -24.89
N ASP A 172 12.80 -25.92 -25.26
CA ASP A 172 14.20 -26.20 -24.89
C ASP A 172 14.67 -25.31 -23.72
N GLY A 173 15.67 -25.80 -22.96
CA GLY A 173 16.27 -25.06 -21.86
C GLY A 173 15.44 -25.00 -20.58
N VAL A 174 14.55 -25.98 -20.42
CA VAL A 174 13.73 -26.11 -19.20
C VAL A 174 13.81 -27.54 -18.66
N ASN A 175 14.47 -27.68 -17.51
CA ASN A 175 14.66 -28.96 -16.84
C ASN A 175 13.94 -28.96 -15.51
N VAL A 176 13.41 -30.10 -15.09
CA VAL A 176 12.78 -30.20 -13.78
C VAL A 176 13.64 -31.04 -12.86
N ILE A 177 13.93 -30.49 -11.68
CA ILE A 177 14.67 -31.21 -10.62
C ILE A 177 13.69 -31.58 -9.51
N THR A 178 13.61 -32.88 -9.20
CA THR A 178 12.75 -33.34 -8.12
C THR A 178 13.49 -33.18 -6.79
N GLY A 179 12.90 -32.39 -5.91
CA GLY A 179 13.53 -32.07 -4.64
C GLY A 179 12.89 -30.87 -3.97
N ASP A 180 13.37 -30.54 -2.77
CA ASP A 180 12.91 -29.31 -2.13
C ASP A 180 13.84 -28.14 -2.45
N GLU A 181 13.59 -27.00 -1.83
CA GLU A 181 14.31 -25.75 -2.13
C GLU A 181 15.82 -25.87 -1.95
N THR A 182 16.21 -26.85 -1.15
CA THR A 182 17.57 -27.11 -0.78
C THR A 182 18.45 -27.58 -2.00
N VAL A 183 17.79 -28.00 -3.08
CA VAL A 183 18.55 -28.44 -4.27
C VAL A 183 19.34 -27.30 -4.92
N ILE A 184 18.98 -26.04 -4.61
CA ILE A 184 19.70 -24.89 -5.14
C ILE A 184 21.16 -24.81 -4.69
N ASP A 185 21.51 -25.55 -3.63
CA ASP A 185 22.91 -25.60 -3.16
C ASP A 185 23.83 -26.00 -4.31
N GLY A 186 23.39 -26.96 -5.11
CA GLY A 186 24.20 -27.49 -6.25
C GLY A 186 23.98 -26.82 -7.59
N LEU A 187 23.34 -25.63 -7.59
CA LEU A 187 23.05 -24.92 -8.82
C LEU A 187 23.74 -23.56 -8.84
N GLU A 188 23.96 -23.05 -10.04
CA GLU A 188 24.56 -21.73 -10.24
C GLU A 188 23.52 -20.97 -11.05
N PHE A 189 23.11 -19.82 -10.55
CA PHE A 189 22.00 -19.11 -11.18
C PHE A 189 22.07 -17.60 -10.93
N ASP A 190 21.39 -16.88 -11.80
CA ASP A 190 21.35 -15.42 -11.78
C ASP A 190 20.08 -14.92 -11.10
N VAL A 191 18.99 -15.66 -11.32
CA VAL A 191 17.69 -15.26 -10.78
C VAL A 191 17.02 -16.45 -10.09
N LEU A 192 16.50 -16.21 -8.88
CA LEU A 192 15.77 -17.25 -8.18
C LEU A 192 14.34 -16.77 -8.02
N MET A 193 13.38 -17.60 -8.39
CA MET A 193 11.95 -17.26 -8.26
C MET A 193 11.27 -18.23 -7.33
N VAL A 194 10.43 -17.71 -6.43
CA VAL A 194 9.72 -18.52 -5.46
C VAL A 194 8.23 -18.46 -5.76
N ALA A 195 7.64 -19.61 -6.09
CA ALA A 195 6.21 -19.66 -6.44
C ALA A 195 5.34 -19.12 -5.32
N ALA A 196 4.22 -18.54 -5.72
CA ALA A 196 3.17 -18.14 -4.76
C ALA A 196 2.81 -19.29 -3.83
N LEU A 197 2.83 -20.51 -4.38
CA LEU A 197 2.39 -21.72 -3.69
C LEU A 197 3.54 -22.55 -3.11
N ALA A 198 4.77 -22.02 -3.16
CA ALA A 198 5.91 -22.71 -2.54
C ALA A 198 5.76 -22.61 -1.04
N GLU A 199 5.81 -23.76 -0.36
CA GLU A 199 5.54 -23.82 1.09
C GLU A 199 6.52 -24.78 1.76
N PRO A 200 6.69 -24.65 3.09
CA PRO A 200 6.15 -23.57 3.94
C PRO A 200 7.08 -22.36 3.87
N LYS A 201 6.52 -21.16 3.80
CA LYS A 201 7.31 -19.95 3.59
C LYS A 201 8.51 -19.82 4.53
N ARG A 202 8.30 -20.04 5.83
CA ARG A 202 9.39 -19.83 6.78
C ARG A 202 10.60 -20.70 6.46
N ARG A 203 10.36 -21.99 6.31
CA ARG A 203 11.43 -22.95 6.04
C ARG A 203 12.11 -22.61 4.71
N VAL A 204 11.27 -22.32 3.70
CA VAL A 204 11.78 -22.05 2.36
C VAL A 204 12.74 -20.86 2.33
N PHE A 205 12.32 -19.74 2.90
CA PHE A 205 13.17 -18.59 2.90
C PHE A 205 14.41 -18.76 3.77
N ARG A 206 14.29 -19.48 4.88
CA ARG A 206 15.47 -19.69 5.74
C ARG A 206 16.49 -20.53 5.00
N ASN A 207 16.03 -21.53 4.25
CA ASN A 207 16.92 -22.34 3.40
C ASN A 207 17.54 -21.53 2.27
N ILE A 208 16.71 -20.74 1.57
CA ILE A 208 17.22 -19.89 0.49
C ILE A 208 18.35 -19.00 1.01
N HIS A 209 18.14 -18.42 2.19
CA HIS A 209 19.12 -17.49 2.77
C HIS A 209 20.51 -18.13 2.89
N ARG A 210 20.52 -19.44 3.17
CA ARG A 210 21.78 -20.17 3.37
C ARG A 210 22.58 -20.35 2.09
N TYR A 211 21.89 -20.33 0.94
CA TYR A 211 22.53 -20.70 -0.32
C TYR A 211 22.88 -19.55 -1.24
N VAL A 212 22.07 -18.50 -1.24
CA VAL A 212 22.27 -17.40 -2.18
C VAL A 212 23.37 -16.46 -1.68
N ASP A 213 23.84 -15.58 -2.55
CA ASP A 213 24.71 -14.50 -2.10
C ASP A 213 23.94 -13.18 -2.17
N THR A 214 24.63 -12.08 -1.87
CA THR A 214 23.97 -10.77 -1.84
C THR A 214 23.66 -10.20 -3.22
N GLU A 215 24.18 -10.83 -4.28
CA GLU A 215 23.93 -10.38 -5.65
C GLU A 215 22.76 -11.09 -6.35
N THR A 216 22.33 -12.24 -5.79
CA THR A 216 21.26 -13.06 -6.36
C THR A 216 19.96 -12.25 -6.38
N ARG A 217 19.42 -11.99 -7.56
CA ARG A 217 18.06 -11.44 -7.65
C ARG A 217 17.02 -12.52 -7.31
N ILE A 218 16.23 -12.27 -6.28
CA ILE A 218 15.24 -13.21 -5.81
C ILE A 218 13.87 -12.56 -5.95
N ILE A 219 12.98 -13.20 -6.71
CA ILE A 219 11.60 -12.69 -6.79
C ILE A 219 10.67 -13.71 -6.19
N TYR A 220 9.79 -13.27 -5.30
CA TYR A 220 8.79 -14.16 -4.75
C TYR A 220 7.40 -13.64 -4.99
N ARG A 221 6.44 -14.55 -5.09
CA ARG A 221 5.08 -14.13 -5.36
C ARG A 221 4.25 -14.15 -4.09
N THR A 222 3.35 -13.18 -3.95
CA THR A 222 2.53 -13.07 -2.75
C THR A 222 1.17 -12.49 -3.14
N TYR A 223 0.39 -12.09 -2.11
CA TYR A 223 -0.96 -11.54 -2.30
C TYR A 223 -1.06 -10.30 -1.42
N THR A 224 -1.56 -9.21 -1.99
CA THR A 224 -1.74 -7.96 -1.24
C THR A 224 -3.16 -7.44 -1.47
N GLY A 225 -3.58 -6.48 -0.66
CA GLY A 225 -4.90 -5.90 -0.84
C GLY A 225 -6.02 -6.93 -0.77
N MET A 226 -7.11 -6.73 -1.50
CA MET A 226 -8.22 -7.68 -1.43
C MET A 226 -7.86 -9.05 -2.03
N ARG A 227 -6.84 -9.07 -2.88
CA ARG A 227 -6.35 -10.34 -3.43
C ARG A 227 -5.83 -11.31 -2.37
N ALA A 228 -5.53 -10.80 -1.18
CA ALA A 228 -5.14 -11.63 -0.01
C ALA A 228 -6.28 -12.52 0.46
N ILE A 229 -7.48 -12.25 -0.02
CA ILE A 229 -8.59 -13.18 0.23
C ILE A 229 -8.29 -14.57 -0.35
N LEU A 230 -7.40 -14.64 -1.35
CA LEU A 230 -7.19 -15.88 -2.08
C LEU A 230 -6.25 -16.85 -1.39
N TYR A 231 -5.29 -16.31 -0.65
CA TYR A 231 -4.17 -17.13 -0.21
C TYR A 231 -3.39 -16.34 0.81
N ALA A 232 -2.80 -17.04 1.77
CA ALA A 232 -2.04 -16.38 2.84
C ALA A 232 -0.80 -15.66 2.30
N PRO A 233 -0.69 -14.35 2.56
CA PRO A 233 0.49 -13.60 2.12
C PRO A 233 1.78 -14.03 2.83
N VAL A 234 2.90 -13.87 2.13
CA VAL A 234 4.23 -13.96 2.74
C VAL A 234 4.31 -12.89 3.82
N SER A 235 4.79 -13.29 5.00
CA SER A 235 4.79 -12.38 6.14
C SER A 235 6.14 -11.71 6.28
N ASP A 236 6.20 -10.69 7.11
CA ASP A 236 7.45 -9.98 7.37
C ASP A 236 8.46 -10.93 8.02
N ASP A 237 7.97 -11.76 8.93
CA ASP A 237 8.84 -12.72 9.61
C ASP A 237 9.49 -13.67 8.61
N ASP A 238 8.69 -14.14 7.64
CA ASP A 238 9.17 -15.02 6.57
C ASP A 238 10.43 -14.58 5.84
N ILE A 239 10.57 -13.27 5.62
CA ILE A 239 11.70 -12.75 4.85
C ILE A 239 12.76 -12.06 5.72
N THR A 240 12.79 -12.40 7.01
CA THR A 240 13.87 -11.91 7.86
C THR A 240 15.22 -12.36 7.28
N GLY A 241 16.19 -11.44 7.28
CA GLY A 241 17.48 -11.68 6.65
C GLY A 241 17.54 -11.21 5.21
N PHE A 242 16.42 -10.71 4.68
CA PHE A 242 16.38 -10.18 3.31
C PHE A 242 15.90 -8.73 3.32
N ARG A 243 16.26 -7.99 2.28
CA ARG A 243 15.74 -6.64 2.07
C ARG A 243 14.93 -6.55 0.79
N ARG A 244 13.79 -5.88 0.88
CA ARG A 244 12.95 -5.64 -0.29
C ARG A 244 13.55 -4.57 -1.17
N ALA A 245 13.52 -4.78 -2.48
CA ALA A 245 14.14 -3.86 -3.42
C ALA A 245 13.21 -3.34 -4.51
N GLY A 246 12.01 -3.90 -4.60
CA GLY A 246 11.07 -3.54 -5.65
C GLY A 246 9.85 -4.44 -5.53
N VAL A 247 8.71 -3.92 -5.98
CA VAL A 247 7.46 -4.67 -6.03
C VAL A 247 6.71 -4.33 -7.32
N VAL A 248 5.96 -5.31 -7.82
CA VAL A 248 4.93 -5.05 -8.82
C VAL A 248 3.58 -5.47 -8.26
N LEU A 249 2.67 -4.51 -8.17
CA LEU A 249 1.32 -4.75 -7.72
C LEU A 249 0.47 -5.08 -8.95
N PRO A 250 -0.38 -6.12 -8.86
CA PRO A 250 -1.09 -6.55 -10.07
C PRO A 250 -2.27 -5.67 -10.47
N SER A 251 -2.65 -5.75 -11.74
CA SER A 251 -3.87 -5.10 -12.19
C SER A 251 -4.64 -6.09 -13.05
N GLY A 252 -5.83 -5.69 -13.48
CA GLY A 252 -6.65 -6.55 -14.30
C GLY A 252 -7.04 -7.79 -13.52
N LYS A 253 -6.84 -8.96 -14.14
CA LYS A 253 -7.17 -10.25 -13.52
C LYS A 253 -5.97 -10.96 -12.86
N VAL A 254 -4.77 -10.37 -12.96
CA VAL A 254 -3.57 -10.97 -12.33
C VAL A 254 -3.77 -10.96 -10.82
N ASN A 255 -3.46 -12.09 -10.18
CA ASN A 255 -3.61 -12.21 -8.73
C ASN A 255 -2.38 -11.89 -7.88
N ASN A 256 -1.19 -12.25 -8.38
CA ASN A 256 -0.01 -12.14 -7.56
C ASN A 256 0.64 -10.78 -7.60
N THR A 257 1.15 -10.36 -6.44
CA THR A 257 2.10 -9.31 -6.29
C THR A 257 3.48 -10.00 -6.36
N SER A 258 4.40 -9.41 -7.10
CA SER A 258 5.77 -9.93 -7.20
C SER A 258 6.75 -9.01 -6.49
N VAL A 259 7.61 -9.59 -5.66
CA VAL A 259 8.50 -8.83 -4.77
C VAL A 259 9.94 -9.23 -5.04
N LEU A 260 10.80 -8.25 -5.29
CA LEU A 260 12.24 -8.48 -5.47
C LEU A 260 12.96 -8.27 -4.16
N VAL A 261 13.74 -9.26 -3.73
CA VAL A 261 14.53 -9.15 -2.49
C VAL A 261 15.97 -9.56 -2.74
N PHE A 262 16.84 -9.12 -1.83
CA PHE A 262 18.24 -9.56 -1.82
C PHE A 262 18.60 -9.96 -0.40
N LYS A 263 19.47 -10.97 -0.30
CA LYS A 263 20.02 -11.39 0.98
C LYS A 263 20.80 -10.22 1.58
N CYS A 264 20.67 -10.01 2.88
CA CYS A 264 21.46 -8.99 3.59
C CYS A 264 22.97 -9.34 3.67
N PRO A 265 23.86 -8.32 3.73
CA PRO A 265 23.66 -6.86 3.65
C PRO A 265 23.40 -6.38 2.23
N SER B 2 16.75 -7.94 8.01
CA SER B 2 16.99 -6.87 6.99
C SER B 2 18.09 -5.85 7.32
N CYS B 3 18.33 -4.97 6.35
CA CYS B 3 19.58 -4.27 6.18
C CYS B 3 19.36 -3.14 5.18
N TYR B 4 18.43 -2.24 5.49
CA TYR B 4 18.14 -1.13 4.59
C TYR B 4 19.16 -0.01 4.72
N ILE B 5 19.67 0.46 3.57
CA ILE B 5 20.63 1.58 3.58
C ILE B 5 20.01 2.85 4.16
N TYR B 6 18.69 3.00 3.98
CA TYR B 6 18.02 4.15 4.59
C TYR B 6 18.13 4.21 6.10
N TRP B 7 18.27 3.05 6.74
CA TRP B 7 18.35 3.00 8.21
C TRP B 7 19.49 3.86 8.70
N ASP B 8 20.68 3.66 8.14
CA ASP B 8 21.83 4.48 8.54
C ASP B 8 21.62 5.97 8.27
N LYS B 9 21.09 6.27 7.08
CA LYS B 9 20.83 7.67 6.69
C LYS B 9 19.88 8.33 7.68
N ILE B 10 18.82 7.61 8.02
CA ILE B 10 17.82 8.12 8.98
C ILE B 10 18.42 8.29 10.37
N LYS B 11 19.24 7.32 10.81
CA LYS B 11 19.86 7.41 12.13
C LYS B 11 20.81 8.62 12.24
N ARG B 12 21.54 8.89 11.15
CA ARG B 12 22.47 10.04 11.12
C ARG B 12 21.70 11.37 11.16
N ILE B 13 20.62 11.45 10.40
CA ILE B 13 19.74 12.61 10.47
C ILE B 13 19.23 12.83 11.89
N ALA B 14 18.73 11.76 12.51
CA ALA B 14 18.22 11.86 13.87
C ALA B 14 19.32 12.28 14.86
N SER B 15 20.53 11.77 14.69
CA SER B 15 21.66 12.21 15.53
C SER B 15 21.86 13.71 15.45
N ARG B 16 21.76 14.27 14.24
CA ARG B 16 21.91 15.70 14.02
C ARG B 16 20.77 16.46 14.68
N LEU B 17 19.55 15.94 14.53
CA LEU B 17 18.38 16.56 15.19
C LEU B 17 18.55 16.56 16.70
N GLU B 18 18.94 15.42 17.26
CA GLU B 18 19.17 15.27 18.69
C GLU B 18 20.19 16.30 19.24
N GLY B 19 21.32 16.42 18.54
CA GLY B 19 22.38 17.37 18.92
C GLY B 19 21.88 18.80 18.87
N MET B 20 21.13 19.13 17.81
CA MET B 20 20.54 20.45 17.67
C MET B 20 19.57 20.78 18.79
N ASN B 21 18.69 19.81 19.11
CA ASN B 21 17.68 19.99 20.17
C ASN B 21 18.31 20.21 21.55
N TYR B 22 19.47 19.59 21.75
CA TYR B 22 20.21 19.75 23.00
C TYR B 22 20.54 21.23 23.23
N HIS B 23 20.91 21.93 22.16
CA HIS B 23 21.39 23.30 22.26
C HIS B 23 20.28 24.35 22.21
N PHE B 24 19.24 24.09 21.42
CA PHE B 24 18.14 25.04 21.23
C PHE B 24 16.76 24.39 21.28
N ASP B 25 15.85 24.96 22.07
CA ASP B 25 14.42 24.63 22.01
C ASP B 25 13.70 25.33 20.86
N GLU B 26 14.16 26.53 20.55
CA GLU B 26 13.56 27.41 19.56
C GLU B 26 14.16 27.05 18.20
N MET B 27 13.29 26.72 17.24
CA MET B 27 13.72 26.33 15.90
C MET B 27 14.26 27.51 15.13
N ASP B 28 15.34 27.29 14.39
CA ASP B 28 15.85 28.28 13.43
C ASP B 28 15.37 27.84 12.06
N THR B 29 14.26 28.40 11.60
CA THR B 29 13.62 27.95 10.37
C THR B 29 14.53 28.00 9.14
N SER B 30 15.24 29.11 8.95
CA SER B 30 16.13 29.22 7.80
C SER B 30 17.23 28.17 7.86
N GLY B 31 17.78 27.99 9.07
CA GLY B 31 18.93 27.12 9.26
C GLY B 31 18.64 25.64 9.04
N VAL B 32 17.38 25.25 9.27
CA VAL B 32 17.02 23.83 9.21
C VAL B 32 16.40 23.35 7.89
N MET B 33 16.28 24.26 6.92
CA MET B 33 15.70 23.85 5.63
C MET B 33 16.48 22.71 4.93
N PRO B 34 17.84 22.75 4.97
CA PRO B 34 18.58 21.59 4.44
C PRO B 34 18.22 20.25 5.11
N LEU B 35 18.08 20.23 6.44
CA LEU B 35 17.64 19.00 7.13
C LEU B 35 16.25 18.55 6.66
N LEU B 36 15.35 19.51 6.52
CA LEU B 36 14.02 19.17 5.99
C LEU B 36 14.13 18.52 4.61
N ASP B 37 14.96 19.10 3.75
CA ASP B 37 15.07 18.62 2.40
C ASP B 37 15.69 17.22 2.36
N GLU B 38 16.63 16.96 3.26
CA GLU B 38 17.23 15.64 3.38
C GLU B 38 16.17 14.62 3.78
N ILE B 39 15.28 15.01 4.70
CA ILE B 39 14.21 14.13 5.13
C ILE B 39 13.21 13.90 4.00
N GLU B 40 12.85 14.98 3.30
CA GLU B 40 11.87 14.89 2.19
C GLU B 40 12.41 14.10 1.00
N GLU B 41 13.71 14.22 0.74
CA GLU B 41 14.30 13.38 -0.32
C GLU B 41 14.05 11.89 -0.05
N ILE B 42 14.14 11.49 1.22
CA ILE B 42 13.79 10.13 1.64
C ILE B 42 12.28 9.89 1.53
N ALA B 43 11.48 10.78 2.11
CA ALA B 43 10.02 10.65 2.03
C ALA B 43 9.51 10.47 0.59
N HIS B 44 10.14 11.16 -0.35
CA HIS B 44 9.62 11.31 -1.71
C HIS B 44 10.23 10.31 -2.68
N ASP B 45 11.10 9.44 -2.16
CA ASP B 45 11.75 8.40 -2.97
C ASP B 45 10.69 7.46 -3.54
N SER B 46 10.38 7.65 -4.82
CA SER B 46 9.31 6.88 -5.45
C SER B 46 9.65 5.40 -5.67
N THR B 47 10.93 5.05 -5.57
CA THR B 47 11.35 3.65 -5.75
C THR B 47 10.97 2.75 -4.58
N ILE B 48 10.67 3.34 -3.42
CA ILE B 48 10.25 2.50 -2.29
C ILE B 48 8.71 2.39 -2.15
N ASP B 49 8.23 1.16 -2.29
CA ASP B 49 6.80 0.85 -2.25
C ASP B 49 6.30 0.88 -0.81
N PHE B 50 4.97 0.96 -0.66
CA PHE B 50 4.33 1.19 0.65
C PHE B 50 4.68 0.10 1.66
N GLU B 51 4.66 -1.16 1.24
CA GLU B 51 5.00 -2.25 2.18
C GLU B 51 6.47 -2.24 2.59
N SER B 52 7.36 -1.88 1.66
CA SER B 52 8.79 -1.73 1.97
C SER B 52 8.98 -0.55 2.91
N ALA B 53 8.22 0.52 2.69
CA ALA B 53 8.26 1.69 3.58
C ALA B 53 7.99 1.33 5.04
N LYS B 54 6.97 0.51 5.31
CA LYS B 54 6.71 0.15 6.71
C LYS B 54 7.79 -0.80 7.24
N HIS B 55 8.30 -1.66 6.37
CA HIS B 55 9.42 -2.54 6.72
C HIS B 55 10.64 -1.73 7.19
N ILE B 56 10.95 -0.65 6.50
CA ILE B 56 12.09 0.14 6.94
C ILE B 56 11.75 1.15 8.05
N LEU B 57 10.59 1.81 7.95
CA LEU B 57 10.22 2.87 8.92
C LEU B 57 9.74 2.37 10.28
N ASP B 58 8.96 1.29 10.31
CA ASP B 58 8.37 0.81 11.57
C ASP B 58 9.21 -0.23 12.33
N ASP B 59 10.42 -0.49 11.85
CA ASP B 59 11.33 -1.42 12.51
C ASP B 59 11.65 -0.89 13.91
N ALA B 60 11.66 -1.78 14.90
CA ALA B 60 11.76 -1.44 16.33
C ALA B 60 12.95 -0.57 16.73
N GLU B 61 14.00 -0.62 15.93
CA GLU B 61 15.22 0.11 16.21
C GLU B 61 15.28 1.41 15.40
N MET B 62 14.19 1.72 14.70
CA MET B 62 13.99 3.06 14.15
C MET B 62 13.10 3.92 15.05
N ASN B 63 12.60 3.39 16.17
CA ASN B 63 11.63 4.17 16.98
C ASN B 63 12.17 5.51 17.41
N HIS B 64 13.38 5.49 17.93
CA HIS B 64 13.97 6.69 18.49
C HIS B 64 14.21 7.74 17.41
N ALA B 65 14.78 7.30 16.29
CA ALA B 65 15.07 8.17 15.17
C ALA B 65 13.78 8.72 14.55
N LEU B 66 12.82 7.83 14.36
CA LEU B 66 11.55 8.24 13.76
C LEU B 66 10.84 9.29 14.63
N SER B 67 10.86 9.09 15.94
CA SER B 67 10.20 10.02 16.86
C SER B 67 10.88 11.40 16.77
N LEU B 68 12.21 11.44 16.64
CA LEU B 68 12.93 12.71 16.51
C LEU B 68 12.57 13.44 15.22
N ILE B 69 12.50 12.69 14.12
CA ILE B 69 12.19 13.27 12.82
C ILE B 69 10.77 13.83 12.78
N ARG B 70 9.82 13.06 13.33
CA ARG B 70 8.43 13.51 13.40
C ARG B 70 8.23 14.76 14.27
N LYS B 71 8.98 14.84 15.39
CA LYS B 71 8.91 16.01 16.26
C LYS B 71 9.47 17.21 15.51
N PHE B 72 10.58 17.00 14.80
CA PHE B 72 11.17 18.07 13.97
C PHE B 72 10.19 18.59 12.92
N TYR B 73 9.57 17.67 12.20
CA TYR B 73 8.65 18.04 11.14
C TYR B 73 7.46 18.86 11.67
N VAL B 74 6.83 18.40 12.74
CA VAL B 74 5.66 19.14 13.27
C VAL B 74 6.08 20.52 13.83
N ASN B 75 7.21 20.58 14.54
CA ASN B 75 7.67 21.84 15.13
C ASN B 75 8.11 22.85 14.05
N LEU B 76 8.81 22.36 13.04
CA LEU B 76 9.20 23.22 11.90
C LEU B 76 7.97 23.76 11.17
N GLY B 77 7.01 22.90 10.95
CA GLY B 77 5.81 23.33 10.28
C GLY B 77 5.10 24.39 11.06
N MET B 78 5.00 24.21 12.37
CA MET B 78 4.35 25.24 13.20
C MET B 78 5.06 26.59 13.09
N LYS B 79 6.37 26.56 13.17
CA LYS B 79 7.16 27.78 13.18
C LYS B 79 7.10 28.47 11.81
N LEU B 80 7.18 27.70 10.74
CA LEU B 80 7.00 28.26 9.41
C LEU B 80 5.62 28.94 9.28
N GLU B 81 4.57 28.26 9.75
CA GLU B 81 3.24 28.88 9.70
C GLU B 81 3.16 30.17 10.54
N MET B 82 3.70 30.14 11.76
CA MET B 82 3.73 31.32 12.63
C MET B 82 4.43 32.51 11.95
N GLU B 83 5.59 32.22 11.34
CA GLU B 83 6.43 33.24 10.71
C GLU B 83 5.73 33.82 9.49
N LYS B 84 5.16 32.95 8.67
CA LYS B 84 4.51 33.41 7.44
C LYS B 84 3.22 34.18 7.78
N ALA B 85 2.47 33.72 8.79
CA ALA B 85 1.25 34.42 9.22
C ALA B 85 1.57 35.88 9.56
N GLN B 86 2.58 36.11 10.40
CA GLN B 86 2.92 37.48 10.79
C GLN B 86 3.38 38.29 9.55
N GLU B 87 4.15 37.64 8.68
CA GLU B 87 4.60 38.28 7.44
C GLU B 87 3.43 38.74 6.60
N VAL B 88 2.40 37.89 6.50
CA VAL B 88 1.21 38.23 5.69
C VAL B 88 0.50 39.43 6.30
N ILE B 89 0.35 39.41 7.62
CA ILE B 89 -0.30 40.49 8.36
C ILE B 89 0.40 41.84 8.17
N GLU B 90 1.72 41.81 8.07
CA GLU B 90 2.54 43.03 7.97
C GLU B 90 2.72 43.52 6.53
N SER B 91 2.36 42.68 5.56
CA SER B 91 2.72 42.93 4.16
C SER B 91 1.77 43.90 3.46
N ASP B 92 2.34 44.75 2.61
CA ASP B 92 1.53 45.61 1.73
C ASP B 92 1.01 44.82 0.54
N SER B 93 1.57 43.63 0.33
CA SER B 93 1.16 42.78 -0.78
C SER B 93 0.91 41.38 -0.22
N PRO B 94 -0.22 41.21 0.51
CA PRO B 94 -0.39 40.00 1.32
C PRO B 94 -0.49 38.70 0.51
N TRP B 95 -1.04 38.75 -0.69
CA TRP B 95 -1.14 37.55 -1.51
C TRP B 95 0.22 37.10 -2.04
N GLU B 96 1.02 38.06 -2.49
CA GLU B 96 2.36 37.77 -2.95
C GLU B 96 3.15 37.13 -1.80
N THR B 97 3.02 37.71 -0.60
CA THR B 97 3.67 37.15 0.60
C THR B 97 3.18 35.73 0.91
N LEU B 98 1.88 35.53 0.89
CA LEU B 98 1.30 34.19 1.11
C LEU B 98 1.87 33.15 0.15
N ARG B 99 1.94 33.53 -1.14
CA ARG B 99 2.42 32.63 -2.18
C ARG B 99 3.87 32.20 -2.02
N SER B 100 4.64 32.94 -1.22
CA SER B 100 6.05 32.57 -0.93
C SER B 100 6.20 31.52 0.17
N PHE B 101 5.08 31.17 0.82
CA PHE B 101 5.11 30.13 1.85
C PHE B 101 5.72 28.87 1.24
N TYR B 102 6.66 28.26 1.96
CA TYR B 102 7.44 27.17 1.40
C TYR B 102 6.56 26.08 0.78
N PHE B 103 5.49 25.71 1.49
CA PHE B 103 4.65 24.59 1.07
C PHE B 103 3.48 25.00 0.15
N TYR B 104 3.38 26.29 -0.19
CA TYR B 104 2.22 26.83 -0.92
C TYR B 104 1.78 26.00 -2.16
N PRO B 105 2.71 25.73 -3.10
CA PRO B 105 2.28 24.98 -4.30
C PRO B 105 1.65 23.63 -3.97
N ARG B 106 2.15 22.97 -2.91
CA ARG B 106 1.66 21.66 -2.49
C ARG B 106 0.21 21.75 -2.05
N TYR B 107 -0.12 22.81 -1.33
CA TYR B 107 -1.48 23.04 -0.91
C TYR B 107 -2.45 23.17 -2.08
N LEU B 108 -2.01 23.85 -3.15
CA LEU B 108 -2.88 23.95 -4.33
C LEU B 108 -3.15 22.59 -4.93
N GLU B 109 -2.10 21.78 -5.07
CA GLU B 109 -2.24 20.47 -5.67
C GLU B 109 -3.11 19.54 -4.78
N LEU B 110 -2.80 19.54 -3.49
CA LEU B 110 -3.56 18.77 -2.51
C LEU B 110 -5.06 19.11 -2.50
N LEU B 111 -5.35 20.40 -2.45
CA LEU B 111 -6.74 20.88 -2.47
C LEU B 111 -7.49 20.47 -3.74
N LYS B 112 -6.81 20.52 -4.88
CA LYS B 112 -7.37 20.04 -6.14
C LYS B 112 -7.76 18.57 -6.03
N ASN B 113 -6.87 17.75 -5.47
CA ASN B 113 -7.08 16.31 -5.21
C ASN B 113 -8.36 16.13 -4.38
N GLU B 114 -8.46 16.92 -3.32
CA GLU B 114 -9.53 16.79 -2.35
C GLU B 114 -10.85 17.31 -2.88
N ALA B 115 -10.83 18.38 -3.67
CA ALA B 115 -12.06 18.90 -4.27
C ALA B 115 -12.70 17.89 -5.22
N ALA B 116 -11.87 17.12 -5.95
CA ALA B 116 -12.38 16.03 -6.78
C ALA B 116 -12.91 14.89 -5.90
N LEU B 117 -12.11 14.49 -4.92
CA LEU B 117 -12.46 13.39 -4.03
C LEU B 117 -13.78 13.66 -3.30
N GLY B 118 -13.91 14.90 -2.82
CA GLY B 118 -15.07 15.32 -2.05
C GLY B 118 -16.21 15.93 -2.84
N ARG B 119 -16.07 16.01 -4.18
CA ARG B 119 -17.09 16.64 -5.05
C ARG B 119 -17.49 18.02 -4.51
N PHE B 120 -16.50 18.84 -4.18
CA PHE B 120 -16.79 20.15 -3.61
C PHE B 120 -17.60 20.98 -4.60
N ARG B 121 -18.64 21.64 -4.12
CA ARG B 121 -19.43 22.56 -4.95
C ARG B 121 -19.43 23.95 -4.32
N ARG B 122 -19.38 24.98 -5.16
CA ARG B 122 -19.50 26.35 -4.68
C ARG B 122 -20.74 26.53 -3.81
N GLY B 123 -20.54 27.24 -2.70
CA GLY B 123 -21.60 27.55 -1.74
C GLY B 123 -21.83 26.47 -0.69
N GLU B 124 -21.25 25.29 -0.87
CA GLU B 124 -21.32 24.27 0.20
C GLU B 124 -20.58 24.77 1.44
N ARG B 125 -21.03 24.30 2.60
CA ARG B 125 -20.42 24.64 3.87
C ARG B 125 -19.39 23.60 4.26
N ALA B 126 -18.19 24.06 4.57
CA ALA B 126 -17.12 23.15 5.00
C ALA B 126 -16.62 23.54 6.37
N VAL B 127 -16.28 22.53 7.17
CA VAL B 127 -15.57 22.73 8.42
C VAL B 127 -14.19 22.07 8.31
N PHE B 128 -13.17 22.81 8.73
CA PHE B 128 -11.80 22.28 8.72
C PHE B 128 -11.31 22.24 10.16
N ILE B 129 -11.00 21.04 10.66
CA ILE B 129 -10.47 20.91 12.03
C ILE B 129 -8.96 20.94 12.07
N GLY B 130 -8.41 21.96 12.73
CA GLY B 130 -6.97 22.10 12.94
C GLY B 130 -6.33 23.18 12.08
N GLY B 131 -6.82 24.41 12.22
CA GLY B 131 -6.49 25.48 11.28
C GLY B 131 -5.05 25.93 11.24
N GLY B 132 -4.44 26.09 12.42
CA GLY B 132 -3.08 26.59 12.48
C GLY B 132 -2.98 28.09 12.31
N PRO B 133 -1.77 28.64 12.48
CA PRO B 133 -1.53 30.07 12.30
C PRO B 133 -1.81 30.54 10.88
N LEU B 134 -1.58 29.64 9.91
CA LEU B 134 -1.73 29.96 8.49
C LEU B 134 -2.77 29.00 7.89
N PRO B 135 -4.05 29.38 7.99
CA PRO B 135 -5.16 28.48 7.68
C PRO B 135 -5.39 28.41 6.17
N LEU B 136 -4.36 27.97 5.46
CA LEU B 136 -4.34 27.92 4.00
C LEU B 136 -5.47 27.11 3.43
N THR B 137 -5.77 25.97 4.03
CA THR B 137 -6.82 25.12 3.46
C THR B 137 -8.16 25.90 3.50
N GLY B 138 -8.49 26.45 4.67
CA GLY B 138 -9.70 27.28 4.80
C GLY B 138 -9.74 28.42 3.79
N ILE B 139 -8.62 29.13 3.69
CA ILE B 139 -8.47 30.25 2.76
C ILE B 139 -8.78 29.79 1.33
N LEU B 140 -8.16 28.71 0.91
CA LEU B 140 -8.37 28.18 -0.45
C LEU B 140 -9.78 27.64 -0.70
N LEU B 141 -10.35 26.97 0.28
CA LEU B 141 -11.73 26.47 0.16
C LEU B 141 -12.72 27.59 -0.17
N SER B 142 -12.50 28.78 0.39
CA SER B 142 -13.31 29.94 -0.02
C SER B 142 -12.79 30.60 -1.29
N HIS B 143 -11.51 30.96 -1.30
CA HIS B 143 -10.91 31.76 -2.38
C HIS B 143 -11.00 31.09 -3.74
N VAL B 144 -10.78 29.78 -3.76
CA VAL B 144 -10.73 29.02 -5.02
C VAL B 144 -12.04 28.26 -5.22
N TYR B 145 -12.50 27.59 -4.17
CA TYR B 145 -13.65 26.67 -4.29
C TYR B 145 -15.01 27.29 -3.98
N GLY B 146 -15.01 28.53 -3.51
CA GLY B 146 -16.24 29.24 -3.20
C GLY B 146 -17.10 28.59 -2.12
N MET B 147 -16.45 27.90 -1.18
CA MET B 147 -17.17 27.29 -0.07
C MET B 147 -17.30 28.29 1.07
N ARG B 148 -18.30 28.06 1.91
CA ARG B 148 -18.51 28.83 3.13
C ARG B 148 -17.86 28.03 4.26
N VAL B 149 -16.84 28.61 4.87
CA VAL B 149 -15.90 27.82 5.69
C VAL B 149 -15.88 28.24 7.16
N ASN B 150 -15.89 27.24 8.04
CA ASN B 150 -15.50 27.43 9.44
C ASN B 150 -14.21 26.65 9.68
N VAL B 151 -13.18 27.35 10.15
CA VAL B 151 -11.89 26.75 10.54
C VAL B 151 -11.88 26.62 12.05
N VAL B 152 -11.55 25.42 12.56
CA VAL B 152 -11.51 25.19 14.01
C VAL B 152 -10.08 25.12 14.52
N GLU B 153 -9.75 25.93 15.52
CA GLU B 153 -8.40 25.93 16.08
C GLU B 153 -8.48 25.90 17.61
N ILE B 154 -7.76 24.96 18.23
CA ILE B 154 -7.86 24.73 19.68
C ILE B 154 -7.12 25.77 20.55
N GLU B 155 -6.02 26.30 20.01
CA GLU B 155 -5.19 27.26 20.76
C GLU B 155 -5.68 28.69 20.50
N PRO B 156 -6.20 29.36 21.55
CA PRO B 156 -6.82 30.68 21.31
C PRO B 156 -5.90 31.71 20.66
N ASP B 157 -4.61 31.74 21.02
CA ASP B 157 -3.71 32.74 20.45
C ASP B 157 -3.41 32.44 18.98
N ILE B 158 -3.34 31.17 18.64
CA ILE B 158 -3.23 30.76 17.22
C ILE B 158 -4.50 31.10 16.42
N ALA B 159 -5.65 30.81 17.01
CA ALA B 159 -6.92 31.17 16.37
C ALA B 159 -6.96 32.69 16.09
N GLU B 160 -6.59 33.49 17.09
CA GLU B 160 -6.59 34.96 16.93
C GLU B 160 -5.67 35.41 15.79
N LEU B 161 -4.47 34.82 15.73
CA LEU B 161 -3.49 35.13 14.70
C LEU B 161 -4.09 34.79 13.33
N SER B 162 -4.69 33.60 13.22
CA SER B 162 -5.25 33.13 11.97
C SER B 162 -6.36 34.05 11.45
N ARG B 163 -7.14 34.64 12.38
CA ARG B 163 -8.20 35.58 11.97
C ARG B 163 -7.59 36.80 11.31
N LYS B 164 -6.49 37.29 11.88
CA LYS B 164 -5.76 38.45 11.30
C LYS B 164 -5.16 38.14 9.90
N VAL B 165 -4.69 36.92 9.69
CA VAL B 165 -4.20 36.51 8.38
C VAL B 165 -5.37 36.60 7.38
N ILE B 166 -6.50 35.97 7.74
CA ILE B 166 -7.68 35.95 6.86
C ILE B 166 -8.12 37.39 6.50
N GLU B 167 -8.14 38.26 7.49
CA GLU B 167 -8.55 39.66 7.31
C GLU B 167 -7.54 40.41 6.44
N GLY B 168 -6.25 40.15 6.67
CA GLY B 168 -5.17 40.77 5.88
C GLY B 168 -5.32 40.46 4.40
N LEU B 169 -5.74 39.23 4.10
CA LEU B 169 -5.87 38.76 2.71
C LEU B 169 -7.18 39.18 2.08
N GLY B 170 -8.09 39.74 2.87
CA GLY B 170 -9.37 40.17 2.33
C GLY B 170 -10.26 39.01 1.93
N VAL B 171 -10.05 37.85 2.53
CA VAL B 171 -10.80 36.67 2.15
C VAL B 171 -12.11 36.61 2.91
N ASP B 172 -13.22 36.51 2.17
CA ASP B 172 -14.55 36.44 2.77
C ASP B 172 -14.91 34.96 2.95
N GLY B 173 -15.93 34.70 3.78
CA GLY B 173 -16.50 33.35 3.89
C GLY B 173 -15.60 32.38 4.63
N VAL B 174 -14.68 32.90 5.42
CA VAL B 174 -13.84 32.07 6.29
C VAL B 174 -13.88 32.58 7.74
N ASN B 175 -14.55 31.81 8.58
CA ASN B 175 -14.71 32.12 9.99
C ASN B 175 -13.82 31.18 10.79
N VAL B 176 -13.25 31.67 11.89
CA VAL B 176 -12.40 30.81 12.73
C VAL B 176 -13.10 30.62 14.05
N ILE B 177 -13.30 29.36 14.41
CA ILE B 177 -13.90 28.93 15.69
C ILE B 177 -12.77 28.53 16.63
N THR B 178 -12.78 29.10 17.83
CA THR B 178 -11.81 28.73 18.84
C THR B 178 -12.39 27.62 19.69
N GLY B 179 -11.77 26.44 19.63
CA GLY B 179 -12.28 25.27 20.33
C GLY B 179 -11.70 24.00 19.76
N ASP B 180 -12.15 22.87 20.29
CA ASP B 180 -11.71 21.57 19.78
C ASP B 180 -12.74 21.00 18.82
N GLU B 181 -12.58 19.74 18.39
CA GLU B 181 -13.46 19.18 17.37
C GLU B 181 -14.93 19.08 17.81
N THR B 182 -15.15 19.13 19.11
CA THR B 182 -16.44 18.98 19.67
C THR B 182 -17.36 20.20 19.31
N VAL B 183 -16.78 21.30 18.81
CA VAL B 183 -17.58 22.45 18.30
C VAL B 183 -18.49 22.09 17.10
N ILE B 184 -18.19 21.01 16.40
CA ILE B 184 -18.99 20.67 15.22
C ILE B 184 -20.44 20.33 15.53
N ASP B 185 -20.74 19.99 16.78
CA ASP B 185 -22.13 19.67 17.13
C ASP B 185 -23.00 20.90 16.87
N GLY B 186 -22.43 22.08 17.08
CA GLY B 186 -23.17 23.34 16.97
C GLY B 186 -23.13 23.98 15.59
N LEU B 187 -22.56 23.26 14.61
CA LEU B 187 -22.40 23.82 13.25
C LEU B 187 -23.16 23.05 12.19
N GLU B 188 -23.64 23.76 11.15
CA GLU B 188 -24.15 23.11 9.96
C GLU B 188 -23.00 22.98 8.96
N PHE B 189 -22.83 21.81 8.38
CA PHE B 189 -21.81 21.61 7.35
C PHE B 189 -22.15 20.46 6.42
N ASP B 190 -21.75 20.62 5.16
CA ASP B 190 -21.85 19.60 4.13
C ASP B 190 -20.61 18.71 4.07
N VAL B 191 -19.45 19.32 4.25
CA VAL B 191 -18.22 18.56 4.30
C VAL B 191 -17.39 18.91 5.52
N LEU B 192 -16.79 17.87 6.11
CA LEU B 192 -15.90 18.01 7.24
C LEU B 192 -14.50 17.55 6.84
N MET B 193 -13.49 18.37 7.12
CA MET B 193 -12.10 17.99 6.85
C MET B 193 -11.31 17.94 8.15
N VAL B 194 -10.47 16.92 8.27
CA VAL B 194 -9.66 16.74 9.47
C VAL B 194 -8.19 16.93 9.09
N ALA B 195 -7.55 17.97 9.62
CA ALA B 195 -6.13 18.22 9.34
C ALA B 195 -5.27 16.97 9.57
N ALA B 196 -4.24 16.81 8.75
CA ALA B 196 -3.19 15.80 8.98
C ALA B 196 -2.64 15.92 10.40
N LEU B 197 -2.59 17.16 10.90
CA LEU B 197 -2.00 17.45 12.20
C LEU B 197 -3.05 17.59 13.33
N ALA B 198 -4.33 17.34 13.04
CA ALA B 198 -5.35 17.37 14.11
C ALA B 198 -5.11 16.19 15.05
N GLU B 199 -5.14 16.47 16.36
CA GLU B 199 -4.82 15.46 17.37
C GLU B 199 -5.68 15.56 18.63
N PRO B 200 -5.79 14.46 19.39
CA PRO B 200 -5.28 13.13 19.07
C PRO B 200 -6.26 12.38 18.16
N LYS B 201 -5.75 11.61 17.22
CA LYS B 201 -6.62 10.98 16.23
C LYS B 201 -7.77 10.18 16.83
N ARG B 202 -7.48 9.35 17.85
CA ARG B 202 -8.51 8.48 18.39
C ARG B 202 -9.71 9.28 18.92
N ARG B 203 -9.40 10.30 19.73
CA ARG B 203 -10.42 11.15 20.33
C ARG B 203 -11.15 11.94 19.25
N VAL B 204 -10.38 12.49 18.31
CA VAL B 204 -10.98 13.31 17.26
C VAL B 204 -12.04 12.52 16.48
N PHE B 205 -11.70 11.31 16.01
CA PHE B 205 -12.70 10.53 15.27
C PHE B 205 -13.88 10.03 16.12
N ARG B 206 -13.61 9.70 17.39
CA ARG B 206 -14.70 9.30 18.27
C ARG B 206 -15.69 10.45 18.45
N ASN B 207 -15.18 11.67 18.63
CA ASN B 207 -16.06 12.84 18.79
C ASN B 207 -16.79 13.17 17.47
N ILE B 208 -16.08 13.06 16.34
CA ILE B 208 -16.71 13.27 15.05
C ILE B 208 -17.89 12.30 14.89
N HIS B 209 -17.65 11.03 15.26
CA HIS B 209 -18.66 9.98 15.09
C HIS B 209 -19.96 10.33 15.83
N ARG B 210 -19.85 10.91 17.02
CA ARG B 210 -21.01 11.40 17.79
C ARG B 210 -21.88 12.43 17.05
N TYR B 211 -21.25 13.29 16.26
CA TYR B 211 -21.88 14.54 15.81
C TYR B 211 -22.07 14.71 14.31
N VAL B 212 -21.80 13.66 13.56
CA VAL B 212 -22.10 13.68 12.14
C VAL B 212 -23.18 12.64 11.84
N ASP B 213 -23.80 12.77 10.68
CA ASP B 213 -24.71 11.75 10.17
C ASP B 213 -24.02 10.92 9.08
N THR B 214 -24.73 9.94 8.54
CA THR B 214 -24.16 9.02 7.56
C THR B 214 -24.04 9.59 6.14
N GLU B 215 -24.52 10.81 5.92
CA GLU B 215 -24.45 11.42 4.59
C GLU B 215 -23.32 12.44 4.46
N THR B 216 -22.75 12.81 5.60
CA THR B 216 -21.75 13.86 5.67
C THR B 216 -20.45 13.38 5.04
N ARG B 217 -19.96 14.10 4.04
CA ARG B 217 -18.62 13.79 3.47
C ARG B 217 -17.55 14.21 4.46
N ILE B 218 -16.68 13.27 4.82
CA ILE B 218 -15.57 13.55 5.75
C ILE B 218 -14.28 13.20 5.03
N ILE B 219 -13.38 14.17 4.92
CA ILE B 219 -12.06 13.91 4.36
C ILE B 219 -11.01 14.10 5.44
N TYR B 220 -10.21 13.05 5.66
CA TYR B 220 -9.06 13.23 6.54
C TYR B 220 -7.72 13.10 5.81
N ARG B 221 -6.70 13.72 6.39
CA ARG B 221 -5.37 13.66 5.80
C ARG B 221 -4.48 12.74 6.63
N THR B 222 -3.60 12.00 5.95
CA THR B 222 -2.73 11.04 6.60
C THR B 222 -1.40 10.94 5.81
N TYR B 223 -0.57 9.97 6.20
CA TYR B 223 0.77 9.77 5.62
C TYR B 223 0.89 8.30 5.34
N THR B 224 1.23 7.98 4.09
CA THR B 224 1.37 6.58 3.68
C THR B 224 2.74 6.42 3.05
N GLY B 225 3.18 5.17 2.95
CA GLY B 225 4.47 4.90 2.33
C GLY B 225 5.61 5.59 3.07
N MET B 226 6.62 6.02 2.33
CA MET B 226 7.83 6.62 2.91
C MET B 226 7.52 8.01 3.50
N ARG B 227 6.41 8.61 3.07
CA ARG B 227 5.97 9.87 3.66
C ARG B 227 5.58 9.76 5.14
N ALA B 228 5.32 8.54 5.61
CA ALA B 228 5.10 8.29 7.04
C ALA B 228 6.34 8.60 7.89
N ILE B 229 7.48 8.86 7.24
CA ILE B 229 8.69 9.29 7.99
C ILE B 229 8.40 10.64 8.67
N LEU B 230 7.44 11.37 8.11
CA LEU B 230 7.16 12.73 8.54
C LEU B 230 6.28 12.82 9.78
N TYR B 231 5.35 11.89 9.91
CA TYR B 231 4.29 12.03 10.91
C TYR B 231 3.50 10.76 11.05
N ALA B 232 2.99 10.51 12.27
CA ALA B 232 2.18 9.32 12.56
C ALA B 232 0.88 9.33 11.77
N PRO B 233 0.63 8.26 11.01
CA PRO B 233 -0.62 8.16 10.25
C PRO B 233 -1.85 7.86 11.10
N VAL B 234 -3.01 8.16 10.53
CA VAL B 234 -4.32 7.75 11.07
C VAL B 234 -4.41 6.25 10.87
N SER B 235 -4.72 5.55 11.95
CA SER B 235 -4.77 4.09 11.92
C SER B 235 -6.16 3.62 11.57
N ASP B 236 -6.28 2.35 11.20
CA ASP B 236 -7.60 1.80 10.96
C ASP B 236 -8.42 1.79 12.25
N ASP B 237 -7.80 1.51 13.40
CA ASP B 237 -8.56 1.59 14.65
C ASP B 237 -9.12 2.99 14.90
N ASP B 238 -8.36 4.02 14.55
CA ASP B 238 -8.82 5.42 14.72
C ASP B 238 -10.17 5.65 14.05
N ILE B 239 -10.40 4.99 12.91
CA ILE B 239 -11.62 5.24 12.15
C ILE B 239 -12.70 4.18 12.34
N THR B 240 -12.68 3.48 13.47
CA THR B 240 -13.77 2.55 13.77
C THR B 240 -15.12 3.31 13.76
N GLY B 241 -16.13 2.72 13.15
CA GLY B 241 -17.43 3.36 13.05
C GLY B 241 -17.59 4.10 11.73
N PHE B 242 -16.52 4.12 10.92
CA PHE B 242 -16.52 4.77 9.59
C PHE B 242 -16.12 3.79 8.50
N ARG B 243 -16.50 4.08 7.24
CA ARG B 243 -16.03 3.30 6.10
C ARG B 243 -15.31 4.19 5.10
N ARG B 244 -14.18 3.70 4.60
CA ARG B 244 -13.46 4.41 3.55
C ARG B 244 -14.23 4.29 2.24
N ALA B 245 -14.34 5.43 1.56
CA ALA B 245 -15.08 5.52 0.31
C ALA B 245 -14.24 6.17 -0.81
N GLY B 246 -12.95 6.32 -0.60
CA GLY B 246 -12.09 6.90 -1.62
C GLY B 246 -10.77 7.32 -1.03
N VAL B 247 -9.70 7.21 -1.82
CA VAL B 247 -8.36 7.56 -1.35
C VAL B 247 -7.62 8.24 -2.49
N VAL B 248 -6.89 9.30 -2.17
CA VAL B 248 -6.00 9.92 -3.14
C VAL B 248 -4.58 9.84 -2.57
N LEU B 249 -3.70 9.15 -3.29
CA LEU B 249 -2.30 9.04 -2.89
C LEU B 249 -1.52 10.16 -3.56
N PRO B 250 -0.62 10.84 -2.82
CA PRO B 250 0.07 12.02 -3.35
C PRO B 250 1.17 11.67 -4.35
N SER B 251 1.51 12.64 -5.20
CA SER B 251 2.69 12.56 -6.06
C SER B 251 3.48 13.88 -6.04
N GLY B 252 4.63 13.92 -6.72
CA GLY B 252 5.45 15.11 -6.68
C GLY B 252 5.93 15.34 -5.25
N LYS B 253 5.79 16.59 -4.80
CA LYS B 253 6.24 17.02 -3.45
C LYS B 253 5.12 16.95 -2.39
N VAL B 254 3.88 16.70 -2.82
CA VAL B 254 2.76 16.64 -1.86
C VAL B 254 2.98 15.51 -0.87
N ASN B 255 2.73 15.80 0.41
CA ASN B 255 3.00 14.82 1.45
C ASN B 255 1.81 14.00 1.90
N ASN B 256 0.63 14.61 1.90
CA ASN B 256 -0.53 13.94 2.45
C ASN B 256 -1.28 13.05 1.46
N THR B 257 -1.75 11.94 2.01
CA THR B 257 -2.79 11.11 1.44
C THR B 257 -4.12 11.63 1.98
N SER B 258 -5.12 11.72 1.10
CA SER B 258 -6.45 12.19 1.53
C SER B 258 -7.43 11.04 1.44
N VAL B 259 -8.25 10.86 2.47
CA VAL B 259 -9.17 9.72 2.53
C VAL B 259 -10.57 10.23 2.75
N LEU B 260 -11.51 9.78 1.93
CA LEU B 260 -12.93 10.07 2.14
C LEU B 260 -13.58 8.95 2.95
N VAL B 261 -14.26 9.32 4.03
CA VAL B 261 -15.03 8.35 4.81
C VAL B 261 -16.44 8.84 5.08
N PHE B 262 -17.32 7.87 5.35
CA PHE B 262 -18.67 8.16 5.84
C PHE B 262 -18.90 7.40 7.14
N LYS B 263 -19.65 8.01 8.06
CA LYS B 263 -20.07 7.30 9.25
C LYS B 263 -20.95 6.10 8.88
N CYS B 264 -20.75 4.99 9.58
CA CYS B 264 -21.58 3.81 9.42
C CYS B 264 -22.91 4.00 10.17
N PRO B 265 -23.91 3.18 9.86
CA PRO B 265 -24.06 2.12 8.88
C PRO B 265 -25.13 2.40 7.82
O8 TNA C . -2.56 -17.82 -9.33
C12 TNA C . -3.63 -17.44 -9.77
O7 TNA C . -4.66 -17.31 -9.13
C10 TNA C . -3.69 -17.04 -11.21
C9 TNA C . -2.41 -17.06 -12.04
C8 TNA C . -1.30 -16.16 -11.55
C11 TNA C . -1.71 -14.76 -11.26
O6 TNA C . -1.20 -14.22 -10.32
O5 TNA C . -2.56 -14.27 -11.96
N3 TNA C . -0.47 -16.72 -10.51
C7 TNA C . 0.35 -17.86 -10.76
C6 TNA C . 0.99 -18.24 -9.46
C4 TNA C . 1.72 -19.56 -9.55
C5 TNA C . 2.62 -19.62 -8.36
O3 TNA C . 2.29 -20.34 -7.45
O4 TNA C . 3.62 -18.98 -8.45
N2 TNA C . 0.92 -20.73 -9.75
C3 TNA C . 1.46 -22.08 -9.55
C2 TNA C . 2.84 -22.39 -10.22
C1 TNA C . 2.76 -22.57 -11.75
N1 TNA C . 2.70 -23.96 -12.18
C TNA C . 3.86 -21.80 -12.50
O2 TNA C . 4.09 -20.67 -12.22
O1 TNA C . 4.43 -22.44 -13.34
CS MTA D . 0.59 -26.60 -7.92
S5' MTA D . 1.80 -25.35 -8.18
C5' MTA D . 2.82 -25.38 -6.74
C4' MTA D . 3.76 -26.59 -6.67
O4' MTA D . 4.85 -26.30 -5.76
C2' MTA D . 3.99 -28.30 -4.94
O2' MTA D . 4.25 -29.71 -4.80
C3' MTA D . 3.14 -27.90 -6.14
O3' MTA D . 3.20 -28.94 -7.15
C1' MTA D . 5.27 -27.52 -5.16
N9 MTA D . 6.00 -27.08 -3.95
C8 MTA D . 5.45 -26.48 -2.86
N7 MTA D . 6.42 -26.18 -1.97
C5 MTA D . 7.60 -26.58 -2.50
C6 MTA D . 9.01 -26.56 -2.08
N6 MTA D . 9.32 -26.02 -0.88
N1 MTA D . 9.95 -27.06 -2.93
C2 MTA D . 9.62 -27.59 -4.14
N3 MTA D . 8.34 -27.65 -4.57
C4 MTA D . 7.32 -27.17 -3.81
O8 TNA E . 4.14 18.42 4.93
C12 TNA E . 3.13 19.04 4.59
O7 TNA E . 2.09 19.11 5.19
C10 TNA E . 3.21 19.84 3.27
C9 TNA E . 1.93 20.57 2.85
C8 TNA E . 0.73 19.67 2.58
C11 TNA E . 1.05 18.42 1.74
O6 TNA E . 0.54 17.37 2.04
O5 TNA E . 1.78 18.53 0.78
N3 TNA E . -0.02 19.31 3.75
C7 TNA E . -0.88 20.23 4.47
C6 TNA E . -1.43 19.51 5.69
C4 TNA E . -1.97 20.44 6.78
C5 TNA E . -2.82 19.61 7.68
O3 TNA E . -2.41 19.40 8.79
O4 TNA E . -3.84 19.14 7.22
N2 TNA E . -1.03 21.33 7.44
C3 TNA E . -1.48 21.98 8.64
C2 TNA E . -2.80 22.70 8.44
C1 TNA E . -2.77 24.00 7.68
N1 TNA E . -2.56 25.23 8.44
C TNA E . -3.92 24.15 6.68
O2 TNA E . -4.20 23.16 6.01
O1 TNA E . -4.49 25.24 6.66
CS MTA F . -0.18 24.22 12.76
S5' MTA F . -1.45 23.39 11.85
C5' MTA F . -2.27 22.29 12.97
C4' MTA F . -3.11 23.06 14.02
O4' MTA F . -4.10 22.17 14.54
C2' MTA F . -3.05 22.89 16.46
O2' MTA F . -3.22 23.72 17.63
C3' MTA F . -2.35 23.54 15.27
O3' MTA F . -2.41 24.97 15.38
C1' MTA F . -4.42 22.57 15.88
N9 MTA F . -5.11 21.41 16.44
C8 MTA F . -4.56 20.21 16.67
N7 MTA F . -5.50 19.31 17.12
C5 MTA F . -6.67 19.98 17.13
C6 MTA F . -8.06 19.66 17.49
N6 MTA F . -8.35 18.41 17.95
N1 MTA F . -9.00 20.63 17.35
C2 MTA F . -8.70 21.88 16.92
N3 MTA F . -7.45 22.27 16.58
C4 MTA F . -6.42 21.35 16.67
BR BR G . 22.63 20.94 8.38
BR BR H . -0.45 41.12 -3.20
#